data_8BU8
#
_entry.id   8BU8
#
_entity_poly.entity_id   1
_entity_poly.type   'polyribonucleotide'
_entity_poly.pdbx_seq_one_letter_code
;GUUACUCACCUCUUCGGAGAAAACGGUCCGAGCGUGGUUCGCCACUAAAAUACCGUUUUGGCCUGAAUGUGUCUGGUCCU
UCCGCAGCCGUUUGAUGAGUUCGCUCAUCAUAGCGGGCUUACCAAACAGUUCGCUGCCACCGUGCGGAAGCAGUUUCGAC
UGAUAGAUCACGGUGGGACUAUUCGUAGUCUUUGGUGAGCUCGUUACGUUUCUUCGGAAACGAACGGCUGAUCUAUGACC
AGAUGUAUUCAGGCCGUGAGUAACGUCGCCGUACAUCUUCGGAUGUAGCGUCCCUAUUUUACAAACUUCGGUUUGGCUCG
GAGGGACGCAGCAGGGUUCGCCCUGCUCGGCGAC
;
_entity_poly.pdbx_strand_id   A
#
loop_
_chem_comp.id
_chem_comp.type
_chem_comp.name
_chem_comp.formula
A RNA linking ADENOSINE-5'-MONOPHOSPHATE 'C10 H14 N5 O7 P'
C RNA linking CYTIDINE-5'-MONOPHOSPHATE 'C9 H14 N3 O8 P'
G RNA linking GUANOSINE-5'-MONOPHOSPHATE 'C10 H14 N5 O8 P'
U RNA linking URIDINE-5'-MONOPHOSPHATE 'C9 H13 N2 O9 P'
#